data_2P3L
#
_entry.id   2P3L
#
_cell.length_a   108.722
_cell.length_b   108.722
_cell.length_c   55.921
_cell.angle_alpha   90.00
_cell.angle_beta   90.00
_cell.angle_gamma   120.00
#
_symmetry.space_group_name_H-M   'P 31 2 1'
#
loop_
_entity.id
_entity.type
_entity.pdbx_description
1 polymer 'type II methyltransferase'
2 non-polymer 'SULFATE ION'
3 non-polymer S-ADENOSYL-L-HOMOCYSTEINE
4 non-polymer "GUANOSINE-P3-ADENOSINE-5',5'-TRIPHOSPHATE"
5 non-polymer 'CITRIC ACID'
6 non-polymer GLYCEROL
7 water water
#
_entity_poly.entity_id   1
_entity_poly.type   'polypeptide(L)'
_entity_poly.pdbx_seq_one_letter_code
;MRGSHHHHHHGSNIGETLGEKWKSRLNALGKSEFQIYKKSGIQEVDRTLAKEGIKRGETDHHAVSRGSAKLRWFVERNLV
TPEGKVVDLGCGRGGWSYYCGGLKNVREVKGLTKGGPGHEEPIPMSTYGWNLVRLQSGVDVFFIPPERCDTLLCDIGESS
PNPTVEAGRTLRVLNLVENWLSNNTQFCVKVLNPYMSSVIEKMEALQRKHGGALVRNPLSRNSTHEMYWVSNASGNIVSS
VNMISRMLINRFTMRHKKATYEPDVDLGSGTRNIGIESETPNLDIIGKRIEKIKQEHETSWHYDQ
;
_entity_poly.pdbx_strand_id   A
#
# COMPACT_ATOMS: atom_id res chain seq x y z
N THR A 17 20.14 -7.63 11.58
CA THR A 17 18.68 -7.47 11.95
C THR A 17 17.87 -8.77 11.81
N LEU A 18 16.86 -8.90 12.68
CA LEU A 18 15.85 -9.98 12.56
C LEU A 18 15.23 -10.14 11.18
N GLY A 19 14.91 -9.03 10.51
CA GLY A 19 14.29 -9.10 9.19
C GLY A 19 15.18 -9.77 8.16
N GLU A 20 16.48 -9.50 8.24
CA GLU A 20 17.47 -10.14 7.37
C GLU A 20 17.50 -11.65 7.56
N LYS A 21 17.38 -12.09 8.81
CA LYS A 21 17.26 -13.52 9.11
C LYS A 21 15.98 -14.08 8.51
N TRP A 22 14.87 -13.36 8.69
CA TRP A 22 13.60 -13.75 8.05
C TRP A 22 13.75 -13.85 6.52
N LYS A 23 14.31 -12.81 5.91
CA LYS A 23 14.47 -12.74 4.44
C LYS A 23 15.33 -13.91 3.88
N SER A 24 16.37 -14.26 4.63
CA SER A 24 17.27 -15.32 4.27
C SER A 24 16.54 -16.66 4.30
N ARG A 25 15.75 -16.86 5.35
CA ARG A 25 14.96 -18.06 5.51
C ARG A 25 13.82 -18.18 4.49
N LEU A 26 13.22 -17.04 4.12
CA LEU A 26 12.21 -17.02 3.08
C LEU A 26 12.81 -17.42 1.72
N ASN A 27 14.00 -16.93 1.42
CA ASN A 27 14.68 -17.24 0.17
C ASN A 27 15.12 -18.71 0.02
N ALA A 28 15.23 -19.44 1.13
CA ALA A 28 15.61 -20.85 1.15
C ALA A 28 14.42 -21.81 0.97
N LEU A 29 13.20 -21.27 1.01
CA LEU A 29 12.01 -22.08 0.88
C LEU A 29 11.93 -22.68 -0.51
N GLY A 30 11.46 -23.93 -0.59
CA GLY A 30 11.10 -24.56 -1.86
C GLY A 30 9.88 -23.89 -2.46
N LYS A 31 9.65 -24.11 -3.76
CA LYS A 31 8.57 -23.45 -4.49
CA LYS A 31 8.57 -23.44 -4.48
C LYS A 31 7.19 -23.62 -3.84
N SER A 32 6.85 -24.87 -3.49
CA SER A 32 5.55 -25.20 -2.88
C SER A 32 5.42 -24.68 -1.45
N GLU A 33 6.50 -24.81 -0.70
CA GLU A 33 6.61 -24.29 0.66
C GLU A 33 6.40 -22.74 0.71
N PHE A 34 6.98 -22.03 -0.26
CA PHE A 34 6.87 -20.58 -0.37
C PHE A 34 5.42 -20.13 -0.64
N GLN A 35 4.79 -20.77 -1.63
CA GLN A 35 3.41 -20.45 -2.01
C GLN A 35 2.45 -20.67 -0.86
N ILE A 36 2.72 -21.72 -0.10
CA ILE A 36 1.94 -22.01 1.10
C ILE A 36 2.17 -20.94 2.16
N TYR A 37 3.43 -20.65 2.47
CA TYR A 37 3.80 -19.65 3.45
C TYR A 37 3.20 -18.26 3.14
N LYS A 38 3.22 -17.88 1.87
CA LYS A 38 2.78 -16.57 1.41
C LYS A 38 1.40 -16.18 1.96
N LYS A 39 0.51 -17.17 2.07
CA LYS A 39 -0.88 -16.94 2.41
C LYS A 39 -1.30 -17.41 3.81
N SER A 40 -0.36 -18.01 4.56
CA SER A 40 -0.72 -18.64 5.85
C SER A 40 -1.13 -17.62 6.90
N GLY A 41 -2.41 -17.70 7.27
CA GLY A 41 -2.96 -16.91 8.36
C GLY A 41 -3.12 -15.44 8.04
N ILE A 42 -3.07 -15.09 6.75
CA ILE A 42 -3.30 -13.72 6.31
C ILE A 42 -4.80 -13.43 6.07
N GLN A 43 -5.12 -12.16 5.83
CA GLN A 43 -6.44 -11.77 5.35
C GLN A 43 -6.45 -11.59 3.83
N GLU A 44 -7.55 -11.98 3.20
CA GLU A 44 -7.75 -11.86 1.75
C GLU A 44 -9.11 -11.21 1.48
N VAL A 45 -9.26 -10.61 0.30
CA VAL A 45 -10.54 -10.06 -0.11
C VAL A 45 -11.20 -11.03 -1.07
N ASP A 46 -12.50 -11.22 -0.90
CA ASP A 46 -13.30 -11.97 -1.86
C ASP A 46 -13.53 -11.09 -3.11
N ARG A 47 -12.81 -11.42 -4.18
CA ARG A 47 -12.70 -10.58 -5.35
C ARG A 47 -13.38 -11.12 -6.60
N THR A 48 -13.77 -12.40 -6.57
CA THR A 48 -14.26 -13.09 -7.74
C THR A 48 -15.37 -12.40 -8.56
N LEU A 49 -16.50 -12.09 -7.95
CA LEU A 49 -17.61 -11.40 -8.60
C LEU A 49 -17.27 -9.98 -9.09
N ALA A 50 -16.42 -9.27 -8.36
CA ALA A 50 -16.06 -7.90 -8.75
C ALA A 50 -15.22 -7.90 -10.00
N LYS A 51 -14.32 -8.88 -10.09
CA LYS A 51 -13.46 -9.04 -11.22
C LYS A 51 -14.26 -9.48 -12.44
N GLU A 52 -15.15 -10.46 -12.25
CA GLU A 52 -16.06 -10.88 -13.32
C GLU A 52 -16.90 -9.74 -13.90
N GLY A 53 -17.38 -8.86 -13.03
CA GLY A 53 -18.15 -7.69 -13.44
C GLY A 53 -17.32 -6.69 -14.23
N ILE A 54 -16.13 -6.38 -13.71
CA ILE A 54 -15.19 -5.47 -14.40
C ILE A 54 -14.89 -5.92 -15.85
N LYS A 55 -14.64 -7.22 -16.02
CA LYS A 55 -14.38 -7.83 -17.29
C LYS A 55 -15.61 -7.74 -18.23
N ARG A 56 -16.78 -7.64 -17.63
CA ARG A 56 -18.05 -7.57 -18.35
C ARG A 56 -18.29 -6.15 -18.84
N GLY A 57 -17.55 -5.19 -18.29
CA GLY A 57 -17.70 -3.78 -18.65
C GLY A 57 -18.41 -2.96 -17.57
N GLU A 58 -18.72 -3.59 -16.43
CA GLU A 58 -19.42 -2.92 -15.35
C GLU A 58 -18.50 -1.92 -14.66
N THR A 59 -19.02 -0.72 -14.43
CA THR A 59 -18.20 0.38 -13.95
C THR A 59 -18.66 0.94 -12.60
N ASP A 60 -19.84 0.50 -12.15
CA ASP A 60 -20.35 0.84 -10.81
C ASP A 60 -19.94 -0.23 -9.80
N HIS A 61 -19.91 0.14 -8.53
CA HIS A 61 -19.92 -0.84 -7.44
C HIS A 61 -18.50 -1.32 -7.13
N HIS A 62 -17.71 -1.54 -8.17
CA HIS A 62 -16.57 -2.44 -8.09
C HIS A 62 -15.30 -1.70 -7.71
N ALA A 63 -14.49 -2.32 -6.85
CA ALA A 63 -13.08 -1.96 -6.74
C ALA A 63 -12.29 -2.54 -7.93
N VAL A 64 -11.36 -1.75 -8.47
CA VAL A 64 -10.58 -2.15 -9.64
C VAL A 64 -9.44 -3.11 -9.28
N SER A 65 -9.14 -3.19 -7.99
CA SER A 65 -8.11 -4.09 -7.50
C SER A 65 -8.41 -4.39 -6.04
N ARG A 66 -7.64 -5.30 -5.46
CA ARG A 66 -7.74 -5.58 -4.04
C ARG A 66 -7.09 -4.46 -3.21
N GLY A 67 -6.43 -3.51 -3.87
CA GLY A 67 -5.88 -2.32 -3.23
C GLY A 67 -6.88 -1.39 -2.52
N SER A 68 -8.09 -1.30 -3.05
CA SER A 68 -9.16 -0.55 -2.37
C SER A 68 -9.41 -1.08 -0.93
N ALA A 69 -9.55 -2.41 -0.80
CA ALA A 69 -9.75 -3.02 0.53
C ALA A 69 -8.58 -2.76 1.43
N LYS A 70 -7.39 -2.73 0.85
CA LYS A 70 -6.18 -2.53 1.62
C LYS A 70 -6.11 -1.11 2.23
N LEU A 71 -6.45 -0.10 1.44
CA LEU A 71 -6.52 1.30 1.95
C LEU A 71 -7.69 1.48 2.96
N ARG A 72 -8.84 0.89 2.66
CA ARG A 72 -9.99 0.90 3.58
C ARG A 72 -9.60 0.48 5.01
N TRP A 73 -8.76 -0.54 5.13
CA TRP A 73 -8.25 -0.97 6.44
C TRP A 73 -7.62 0.18 7.26
N PHE A 74 -6.71 0.93 6.65
CA PHE A 74 -6.09 2.06 7.33
C PHE A 74 -7.10 3.17 7.59
N VAL A 75 -7.97 3.43 6.62
CA VAL A 75 -8.88 4.57 6.70
C VAL A 75 -9.96 4.35 7.78
N GLU A 76 -10.60 3.18 7.78
CA GLU A 76 -11.64 2.91 8.76
C GLU A 76 -11.10 2.82 10.22
N ARG A 77 -9.77 2.79 10.37
CA ARG A 77 -9.12 2.83 11.69
C ARG A 77 -8.51 4.19 11.97
N ASN A 78 -8.77 5.14 11.09
CA ASN A 78 -8.27 6.51 11.21
C ASN A 78 -6.77 6.70 11.18
N LEU A 79 -6.04 5.74 10.65
CA LEU A 79 -4.57 5.85 10.62
C LEU A 79 -4.12 6.84 9.55
N VAL A 80 -4.95 7.00 8.52
CA VAL A 80 -4.85 8.09 7.54
C VAL A 80 -6.27 8.62 7.31
N THR A 81 -6.41 9.95 7.15
CA THR A 81 -7.72 10.51 6.81
C THR A 81 -7.68 11.35 5.53
N PRO A 82 -7.97 10.72 4.38
CA PRO A 82 -7.87 11.46 3.15
C PRO A 82 -8.89 12.61 3.10
N GLU A 83 -8.44 13.77 2.64
CA GLU A 83 -9.22 15.01 2.66
C GLU A 83 -8.65 15.98 1.63
N GLY A 84 -9.53 16.72 0.96
CA GLY A 84 -9.11 17.82 0.10
C GLY A 84 -8.50 17.33 -1.20
N LYS A 85 -7.33 17.90 -1.52
CA LYS A 85 -6.54 17.43 -2.67
C LYS A 85 -5.66 16.23 -2.27
N VAL A 86 -6.03 15.06 -2.81
CA VAL A 86 -5.28 13.78 -2.66
C VAL A 86 -4.41 13.47 -3.89
N VAL A 87 -3.12 13.28 -3.68
CA VAL A 87 -2.23 12.78 -4.72
C VAL A 87 -1.86 11.32 -4.44
N ASP A 88 -2.08 10.47 -5.44
CA ASP A 88 -1.84 9.03 -5.39
C ASP A 88 -0.69 8.65 -6.33
N LEU A 89 0.48 8.48 -5.74
CA LEU A 89 1.72 8.15 -6.45
C LEU A 89 1.81 6.64 -6.67
N GLY A 90 1.82 6.25 -7.95
CA GLY A 90 1.88 4.85 -8.33
C GLY A 90 0.49 4.24 -8.19
N CYS A 91 -0.49 4.87 -8.84
CA CYS A 91 -1.89 4.52 -8.67
C CYS A 91 -2.31 3.18 -9.28
N GLY A 92 -1.56 2.69 -10.27
CA GLY A 92 -1.93 1.46 -10.99
C GLY A 92 -3.29 1.59 -11.64
N ARG A 93 -4.14 0.57 -11.49
CA ARG A 93 -5.54 0.59 -11.97
C ARG A 93 -6.38 1.69 -11.34
N GLY A 94 -5.99 2.14 -10.16
CA GLY A 94 -6.67 3.23 -9.45
C GLY A 94 -7.40 2.85 -8.18
N GLY A 95 -7.10 1.66 -7.64
CA GLY A 95 -7.77 1.16 -6.43
C GLY A 95 -7.86 2.11 -5.25
N TRP A 96 -6.74 2.75 -4.89
CA TRP A 96 -6.71 3.72 -3.80
C TRP A 96 -7.44 5.04 -4.19
N SER A 97 -7.20 5.50 -5.41
CA SER A 97 -7.82 6.72 -5.94
C SER A 97 -9.36 6.67 -5.91
N TYR A 98 -9.94 5.67 -6.55
CA TYR A 98 -11.38 5.50 -6.59
C TYR A 98 -11.98 5.41 -5.19
N TYR A 99 -11.33 4.62 -4.34
CA TYR A 99 -11.69 4.57 -2.96
C TYR A 99 -11.75 5.99 -2.34
N CYS A 100 -10.65 6.72 -2.43
CA CYS A 100 -10.59 8.08 -1.88
C CYS A 100 -11.64 9.03 -2.47
N GLY A 101 -12.01 8.79 -3.73
CA GLY A 101 -12.99 9.59 -4.44
C GLY A 101 -14.36 9.63 -3.78
N GLY A 102 -14.67 8.59 -3.02
CA GLY A 102 -15.95 8.47 -2.35
C GLY A 102 -15.96 9.00 -0.94
N LEU A 103 -14.83 9.52 -0.46
CA LEU A 103 -14.72 9.90 0.93
C LEU A 103 -15.18 11.34 1.21
N LYS A 104 -15.93 11.49 2.30
CA LYS A 104 -16.63 12.74 2.64
C LYS A 104 -15.82 14.01 2.38
N ASN A 105 -14.64 14.10 3.02
CA ASN A 105 -13.87 15.34 2.99
C ASN A 105 -12.88 15.49 1.83
N VAL A 106 -12.94 14.56 0.88
CA VAL A 106 -12.04 14.59 -0.28
C VAL A 106 -12.65 15.48 -1.37
N ARG A 107 -11.84 16.42 -1.89
CA ARG A 107 -12.35 17.32 -2.93
CA ARG A 107 -12.32 17.34 -2.93
C ARG A 107 -11.80 16.96 -4.31
N GLU A 108 -10.59 16.40 -4.35
CA GLU A 108 -9.89 16.11 -5.61
C GLU A 108 -8.94 14.92 -5.44
N VAL A 109 -8.94 14.01 -6.42
CA VAL A 109 -7.91 12.95 -6.47
C VAL A 109 -7.12 12.93 -7.79
N LYS A 110 -5.82 13.12 -7.68
CA LYS A 110 -4.93 12.94 -8.82
C LYS A 110 -4.04 11.70 -8.60
N GLY A 111 -4.19 10.72 -9.47
CA GLY A 111 -3.40 9.48 -9.42
C GLY A 111 -2.44 9.42 -10.59
N LEU A 112 -1.19 9.03 -10.33
CA LEU A 112 -0.15 8.97 -11.34
C LEU A 112 0.56 7.61 -11.32
N THR A 113 0.74 7.04 -12.51
CA THR A 113 1.33 5.70 -12.60
C THR A 113 2.12 5.50 -13.89
N LYS A 114 3.04 4.52 -13.87
CA LYS A 114 3.82 4.11 -15.06
C LYS A 114 2.97 3.67 -16.22
N GLY A 115 2.12 2.66 -15.97
CA GLY A 115 1.34 2.03 -17.02
C GLY A 115 2.24 1.45 -18.11
N GLY A 116 1.70 1.36 -19.32
CA GLY A 116 2.43 0.87 -20.46
C GLY A 116 2.73 -0.61 -20.42
N PRO A 117 3.46 -1.10 -21.44
CA PRO A 117 3.76 -2.52 -21.52
C PRO A 117 4.37 -2.98 -20.18
N GLY A 118 3.88 -4.12 -19.70
CA GLY A 118 4.34 -4.70 -18.45
C GLY A 118 3.75 -4.14 -17.16
N HIS A 119 3.04 -3.01 -17.22
CA HIS A 119 2.51 -2.40 -16.01
C HIS A 119 1.01 -2.12 -16.08
N GLU A 120 0.38 -2.06 -14.91
CA GLU A 120 -1.06 -1.90 -14.83
C GLU A 120 -1.55 -0.50 -15.27
N GLU A 121 -2.53 -0.48 -16.18
CA GLU A 121 -3.19 0.74 -16.64
C GLU A 121 -4.35 1.13 -15.74
N PRO A 122 -4.55 2.46 -15.52
CA PRO A 122 -5.76 2.99 -14.91
C PRO A 122 -7.01 2.46 -15.62
N ILE A 123 -8.03 2.15 -14.83
CA ILE A 123 -9.27 1.63 -15.36
C ILE A 123 -10.33 2.71 -15.18
N PRO A 124 -11.00 3.13 -16.29
CA PRO A 124 -12.07 4.12 -16.09
C PRO A 124 -13.24 3.44 -15.36
N MET A 125 -13.76 4.10 -14.32
CA MET A 125 -14.90 3.58 -13.54
C MET A 125 -15.94 4.65 -13.24
N SER A 126 -17.13 4.23 -12.87
CA SER A 126 -18.19 5.18 -12.50
C SER A 126 -18.64 4.98 -11.06
N THR A 127 -17.68 4.66 -10.19
CA THR A 127 -18.00 4.46 -8.79
C THR A 127 -18.22 5.83 -8.21
N TYR A 128 -18.67 5.89 -6.96
CA TYR A 128 -19.06 7.14 -6.34
C TYR A 128 -17.88 8.09 -6.21
N GLY A 129 -17.99 9.25 -6.85
CA GLY A 129 -16.98 10.31 -6.78
C GLY A 129 -15.96 10.26 -7.89
N TRP A 130 -16.22 9.49 -8.93
CA TRP A 130 -15.26 9.27 -10.02
C TRP A 130 -14.88 10.56 -10.77
N ASN A 131 -15.80 11.54 -10.78
CA ASN A 131 -15.60 12.82 -11.44
C ASN A 131 -14.58 13.66 -10.69
N LEU A 132 -14.37 13.34 -9.41
CA LEU A 132 -13.33 13.97 -8.59
C LEU A 132 -11.92 13.40 -8.85
N VAL A 133 -11.88 12.31 -9.64
CA VAL A 133 -10.68 11.49 -9.77
C VAL A 133 -10.08 11.58 -11.17
N ARG A 134 -8.83 12.04 -11.25
CA ARG A 134 -8.10 12.00 -12.53
C ARG A 134 -6.86 11.10 -12.44
N LEU A 135 -6.77 10.14 -13.35
CA LEU A 135 -5.68 9.17 -13.44
C LEU A 135 -4.89 9.34 -14.75
N GLN A 136 -3.58 9.51 -14.64
CA GLN A 136 -2.69 9.48 -15.81
C GLN A 136 -1.59 8.42 -15.74
N SER A 137 -1.45 7.66 -16.83
CA SER A 137 -0.31 6.78 -16.97
C SER A 137 0.76 7.40 -17.85
N GLY A 138 1.84 6.64 -18.05
CA GLY A 138 3.00 7.10 -18.82
C GLY A 138 3.83 8.05 -18.00
N VAL A 139 3.65 7.98 -16.68
CA VAL A 139 4.24 8.95 -15.79
C VAL A 139 5.26 8.28 -14.85
N ASP A 140 6.48 8.77 -14.88
CA ASP A 140 7.45 8.40 -13.88
C ASP A 140 7.43 9.45 -12.77
N VAL A 141 6.95 9.07 -11.60
CA VAL A 141 6.63 10.05 -10.54
C VAL A 141 7.88 10.75 -9.99
N PHE A 142 9.05 10.12 -10.12
CA PHE A 142 10.32 10.64 -9.62
C PHE A 142 10.79 11.86 -10.40
N PHE A 143 10.25 12.04 -11.59
CA PHE A 143 10.63 13.14 -12.46
C PHE A 143 9.61 14.27 -12.52
N ILE A 144 8.49 14.13 -11.82
CA ILE A 144 7.52 15.22 -11.80
C ILE A 144 7.71 16.18 -10.62
N PRO A 145 7.54 17.50 -10.87
CA PRO A 145 7.59 18.50 -9.79
C PRO A 145 6.51 18.24 -8.74
N PRO A 146 6.88 18.22 -7.46
CA PRO A 146 5.87 18.15 -6.41
C PRO A 146 4.79 19.23 -6.54
N GLU A 147 3.56 18.86 -6.25
CA GLU A 147 2.45 19.79 -6.17
C GLU A 147 2.00 19.89 -4.73
N ARG A 148 1.21 20.93 -4.43
CA ARG A 148 0.61 21.08 -3.11
C ARG A 148 -0.54 20.09 -3.02
N CYS A 149 -0.65 19.43 -1.86
CA CYS A 149 -1.76 18.51 -1.62
C CYS A 149 -2.02 18.40 -0.12
N ASP A 150 -3.20 17.91 0.24
CA ASP A 150 -3.59 17.74 1.63
C ASP A 150 -3.35 16.30 2.12
N THR A 151 -3.45 15.35 1.19
CA THR A 151 -3.07 13.96 1.45
C THR A 151 -2.16 13.35 0.39
N LEU A 152 -1.09 12.71 0.86
CA LEU A 152 -0.17 12.02 -0.03
C LEU A 152 -0.21 10.51 0.17
N LEU A 153 -0.66 9.82 -0.88
CA LEU A 153 -0.61 8.35 -0.94
C LEU A 153 0.52 7.90 -1.88
N CYS A 154 1.21 6.84 -1.47
CA CYS A 154 2.22 6.19 -2.30
C CYS A 154 2.24 4.68 -2.04
N ASP A 155 2.10 3.89 -3.11
CA ASP A 155 2.07 2.45 -2.99
C ASP A 155 3.14 1.81 -3.91
N ILE A 156 4.38 2.27 -3.79
CA ILE A 156 5.40 1.94 -4.73
C ILE A 156 6.48 1.17 -3.98
N GLY A 157 7.02 0.16 -4.65
CA GLY A 157 8.17 -0.58 -4.15
C GLY A 157 8.18 -1.95 -4.79
N GLU A 158 9.22 -2.16 -5.59
CA GLU A 158 9.47 -3.42 -6.32
C GLU A 158 10.37 -4.33 -5.46
N SER A 159 9.82 -5.48 -5.06
CA SER A 159 10.53 -6.49 -4.27
C SER A 159 11.76 -7.01 -5.03
N SER A 160 12.73 -7.51 -4.27
CA SER A 160 14.00 -8.09 -4.75
C SER A 160 14.39 -9.14 -3.74
N PRO A 161 14.91 -10.30 -4.20
CA PRO A 161 15.43 -11.32 -3.27
C PRO A 161 16.64 -10.81 -2.42
N ASN A 162 17.28 -9.74 -2.87
CA ASN A 162 18.35 -9.09 -2.15
C ASN A 162 17.78 -7.86 -1.36
N PRO A 163 17.78 -7.93 -0.01
CA PRO A 163 17.26 -6.83 0.79
C PRO A 163 18.03 -5.50 0.63
N THR A 164 19.31 -5.54 0.22
CA THR A 164 20.09 -4.31 -0.05
C THR A 164 19.52 -3.55 -1.25
N VAL A 165 19.18 -4.28 -2.30
CA VAL A 165 18.43 -3.75 -3.43
C VAL A 165 17.13 -3.08 -3.00
N GLU A 166 16.33 -3.78 -2.18
CA GLU A 166 15.09 -3.26 -1.63
C GLU A 166 15.32 -2.00 -0.78
N ALA A 167 16.38 -2.00 0.04
CA ALA A 167 16.76 -0.80 0.78
C ALA A 167 16.96 0.42 -0.15
N GLY A 168 17.72 0.23 -1.23
CA GLY A 168 17.93 1.29 -2.25
C GLY A 168 16.62 1.83 -2.82
N ARG A 169 15.71 0.92 -3.17
CA ARG A 169 14.42 1.26 -3.72
C ARG A 169 13.51 1.97 -2.70
N THR A 170 13.51 1.49 -1.45
CA THR A 170 12.77 2.12 -0.35
C THR A 170 13.22 3.56 -0.05
N LEU A 171 14.55 3.75 0.09
CA LEU A 171 15.12 5.08 0.26
C LEU A 171 14.70 6.09 -0.83
N ARG A 172 14.69 5.64 -2.10
CA ARG A 172 14.25 6.49 -3.22
C ARG A 172 12.79 6.89 -3.04
N VAL A 173 11.94 5.93 -2.67
CA VAL A 173 10.54 6.23 -2.38
C VAL A 173 10.38 7.25 -1.21
N LEU A 174 11.16 7.03 -0.15
CA LEU A 174 11.13 7.89 1.03
C LEU A 174 11.57 9.33 0.76
N ASN A 175 12.68 9.49 0.05
CA ASN A 175 13.11 10.80 -0.42
C ASN A 175 12.14 11.42 -1.42
N LEU A 176 11.50 10.56 -2.21
CA LEU A 176 10.39 10.98 -3.06
C LEU A 176 9.32 11.71 -2.26
N VAL A 177 8.74 11.02 -1.29
CA VAL A 177 7.54 11.50 -0.62
C VAL A 177 7.87 12.64 0.34
N GLU A 178 9.08 12.63 0.87
CA GLU A 178 9.60 13.78 1.61
C GLU A 178 9.45 15.10 0.83
N ASN A 179 9.68 15.05 -0.49
CA ASN A 179 9.46 16.22 -1.35
C ASN A 179 8.00 16.64 -1.54
N TRP A 180 7.05 15.77 -1.22
CA TRP A 180 5.64 16.10 -1.40
C TRP A 180 4.92 16.44 -0.09
N LEU A 181 5.61 16.26 1.04
CA LEU A 181 4.98 16.47 2.35
C LEU A 181 5.22 17.89 2.89
N SER A 182 4.15 18.53 3.34
CA SER A 182 4.29 19.77 4.10
C SER A 182 3.95 19.56 5.60
N ASN A 183 3.41 20.59 6.24
CA ASN A 183 3.34 20.62 7.70
C ASN A 183 2.31 19.67 8.30
N ASN A 184 1.07 19.73 7.81
CA ASN A 184 -0.02 18.91 8.36
C ASN A 184 -0.74 18.12 7.25
N THR A 185 0.04 17.49 6.40
CA THR A 185 -0.50 16.69 5.31
C THR A 185 -0.76 15.24 5.77
N GLN A 186 -1.94 14.71 5.40
CA GLN A 186 -2.26 13.31 5.68
C GLN A 186 -1.44 12.39 4.76
N PHE A 187 -1.09 11.20 5.24
CA PHE A 187 -0.23 10.33 4.44
C PHE A 187 -0.29 8.84 4.76
N CYS A 188 -0.10 8.04 3.70
CA CYS A 188 0.01 6.59 3.81
C CYS A 188 0.94 6.15 2.70
N VAL A 189 2.14 5.73 3.09
CA VAL A 189 3.26 5.44 2.18
C VAL A 189 3.77 4.04 2.45
N LYS A 190 3.81 3.22 1.39
CA LYS A 190 4.36 1.88 1.50
C LYS A 190 5.86 1.97 1.77
N VAL A 191 6.32 1.22 2.77
CA VAL A 191 7.74 1.09 3.04
C VAL A 191 8.25 -0.30 2.68
N LEU A 192 8.65 -0.47 1.42
CA LEU A 192 8.88 -1.79 0.86
C LEU A 192 9.67 -2.67 1.82
N ASN A 193 10.80 -2.16 2.30
CA ASN A 193 11.65 -2.90 3.22
C ASN A 193 12.05 -2.06 4.44
N PRO A 194 11.25 -2.16 5.50
CA PRO A 194 11.42 -1.30 6.67
C PRO A 194 12.52 -1.79 7.64
N TYR A 195 13.10 -2.97 7.43
CA TYR A 195 14.02 -3.54 8.43
C TYR A 195 15.52 -3.30 8.21
N MET A 196 15.89 -2.86 7.01
CA MET A 196 17.30 -2.63 6.71
C MET A 196 17.78 -1.36 7.39
N SER A 197 18.97 -1.44 7.97
CA SER A 197 19.55 -0.35 8.78
C SER A 197 19.48 1.06 8.15
N SER A 198 19.78 1.17 6.86
CA SER A 198 19.66 2.47 6.19
C SER A 198 18.22 2.99 6.14
N VAL A 199 17.24 2.08 6.02
CA VAL A 199 15.83 2.51 6.00
C VAL A 199 15.33 2.88 7.40
N ILE A 200 15.80 2.16 8.42
CA ILE A 200 15.46 2.50 9.81
C ILE A 200 15.89 3.93 10.13
N GLU A 201 17.14 4.24 9.77
CA GLU A 201 17.74 5.53 10.02
C GLU A 201 16.95 6.64 9.34
N LYS A 202 16.56 6.41 8.08
CA LYS A 202 15.78 7.38 7.32
C LYS A 202 14.37 7.59 7.91
N MET A 203 13.73 6.49 8.32
CA MET A 203 12.39 6.55 8.89
C MET A 203 12.37 7.26 10.25
N GLU A 204 13.39 7.01 11.05
CA GLU A 204 13.58 7.71 12.34
C GLU A 204 13.60 9.24 12.12
N ALA A 205 14.42 9.67 11.16
CA ALA A 205 14.49 11.08 10.77
C ALA A 205 13.15 11.58 10.22
N LEU A 206 12.52 10.81 9.33
CA LEU A 206 11.23 11.23 8.78
C LEU A 206 10.12 11.37 9.82
N GLN A 207 10.14 10.49 10.83
CA GLN A 207 9.19 10.54 11.94
C GLN A 207 9.37 11.79 12.83
N ARG A 208 10.62 12.18 13.08
CA ARG A 208 10.88 13.42 13.82
C ARG A 208 10.28 14.61 13.08
N LYS A 209 10.46 14.60 11.77
CA LYS A 209 10.06 15.69 10.90
C LYS A 209 8.55 15.72 10.65
N HIS A 210 7.91 14.55 10.61
CA HIS A 210 6.51 14.44 10.18
C HIS A 210 5.56 13.58 11.01
N GLY A 211 6.04 13.04 12.13
CA GLY A 211 5.18 12.22 12.97
C GLY A 211 4.80 10.93 12.26
N GLY A 212 3.63 10.38 12.60
CA GLY A 212 3.15 9.11 12.05
C GLY A 212 3.95 7.93 12.56
N ALA A 213 3.57 6.71 12.16
CA ALA A 213 4.36 5.51 12.46
C ALA A 213 4.22 4.48 11.36
N LEU A 214 5.01 3.40 11.45
CA LEU A 214 4.89 2.21 10.60
C LEU A 214 3.85 1.23 11.12
N VAL A 215 2.90 0.85 10.25
CA VAL A 215 1.84 -0.10 10.63
C VAL A 215 1.77 -1.23 9.60
N ARG A 216 1.52 -2.44 10.08
CA ARG A 216 1.38 -3.63 9.27
C ARG A 216 -0.07 -3.89 8.94
N ASN A 217 -0.35 -4.07 7.66
CA ASN A 217 -1.70 -4.33 7.17
C ASN A 217 -1.91 -5.86 7.10
N PRO A 218 -2.95 -6.38 7.75
CA PRO A 218 -3.11 -7.84 7.71
C PRO A 218 -3.49 -8.45 6.33
N LEU A 219 -3.78 -7.59 5.35
CA LEU A 219 -3.95 -7.96 3.93
C LEU A 219 -2.63 -8.10 3.18
N SER A 220 -1.55 -7.58 3.75
CA SER A 220 -0.20 -7.91 3.25
C SER A 220 0.07 -9.42 3.32
N ARG A 221 0.76 -9.90 2.28
CA ARG A 221 1.18 -11.30 2.17
C ARG A 221 2.43 -11.54 3.00
N ASN A 222 2.67 -12.79 3.43
CA ASN A 222 3.81 -13.12 4.28
C ASN A 222 5.13 -13.04 3.54
N SER A 223 5.07 -13.05 2.21
CA SER A 223 6.29 -12.99 1.40
C SER A 223 6.90 -11.60 1.36
N THR A 224 6.24 -10.61 1.96
CA THR A 224 6.75 -9.25 1.99
C THR A 224 6.75 -8.70 3.42
N HIS A 225 7.77 -7.95 3.75
CA HIS A 225 7.85 -7.28 5.05
C HIS A 225 7.30 -5.85 5.04
N GLU A 226 6.58 -5.48 3.98
CA GLU A 226 6.03 -4.13 3.83
C GLU A 226 5.24 -3.65 5.07
N MET A 227 5.55 -2.45 5.49
CA MET A 227 4.70 -1.72 6.42
C MET A 227 4.44 -0.34 5.82
N TYR A 228 3.39 0.30 6.29
CA TYR A 228 2.98 1.57 5.76
C TYR A 228 3.19 2.68 6.78
N TRP A 229 3.88 3.72 6.33
CA TRP A 229 4.04 4.94 7.09
C TRP A 229 2.73 5.76 7.00
N VAL A 230 1.96 5.72 8.09
CA VAL A 230 0.66 6.40 8.14
C VAL A 230 0.74 7.61 9.07
N SER A 231 0.05 8.70 8.72
CA SER A 231 0.17 9.97 9.48
C SER A 231 -0.38 9.97 10.93
N ASN A 232 -1.50 9.31 11.16
CA ASN A 232 -2.17 9.38 12.46
C ASN A 232 -1.86 8.19 13.36
N ALA A 233 -0.58 8.01 13.69
CA ALA A 233 -0.17 6.88 14.51
C ALA A 233 1.15 7.13 15.19
N SER A 234 1.39 6.43 16.27
CA SER A 234 2.64 6.58 17.01
C SER A 234 3.26 5.22 17.28
N GLY A 235 4.54 5.23 17.60
CA GLY A 235 5.26 3.99 17.79
C GLY A 235 6.70 4.16 17.39
N ASN A 236 7.58 3.71 18.28
CA ASN A 236 9.00 3.56 18.03
C ASN A 236 9.20 2.74 16.73
N ILE A 237 10.03 3.26 15.84
CA ILE A 237 10.28 2.60 14.55
C ILE A 237 10.91 1.21 14.68
N VAL A 238 11.99 1.12 15.44
CA VAL A 238 12.70 -0.14 15.63
C VAL A 238 11.77 -1.23 16.17
N SER A 239 10.98 -0.90 17.19
CA SER A 239 10.17 -1.90 17.86
C SER A 239 9.07 -2.41 16.97
N SER A 240 8.42 -1.49 16.25
CA SER A 240 7.31 -1.82 15.37
C SER A 240 7.76 -2.74 14.22
N VAL A 241 8.96 -2.51 13.70
CA VAL A 241 9.57 -3.35 12.63
C VAL A 241 9.94 -4.76 13.14
N ASN A 242 10.73 -4.80 14.21
CA ASN A 242 10.99 -6.05 14.98
C ASN A 242 9.78 -6.90 15.34
N MET A 243 8.68 -6.28 15.77
CA MET A 243 7.48 -7.03 16.07
CA MET A 243 7.42 -6.99 16.05
C MET A 243 6.99 -7.83 14.85
N ILE A 244 7.09 -7.22 13.67
CA ILE A 244 6.64 -7.83 12.41
C ILE A 244 7.61 -8.91 11.91
N SER A 245 8.91 -8.66 12.05
CA SER A 245 9.93 -9.70 11.75
C SER A 245 9.65 -10.95 12.54
N ARG A 246 9.40 -10.78 13.84
CA ARG A 246 9.07 -11.87 14.76
CA ARG A 246 9.08 -11.89 14.74
C ARG A 246 7.83 -12.63 14.30
N MET A 247 6.76 -11.87 13.98
CA MET A 247 5.50 -12.42 13.50
C MET A 247 5.71 -13.23 12.25
N LEU A 248 6.43 -12.66 11.28
CA LEU A 248 6.70 -13.36 10.03
C LEU A 248 7.55 -14.63 10.22
N ILE A 249 8.48 -14.59 11.17
CA ILE A 249 9.26 -15.80 11.52
C ILE A 249 8.37 -16.86 12.15
N ASN A 250 7.56 -16.46 13.13
CA ASN A 250 6.57 -17.34 13.77
C ASN A 250 5.69 -18.05 12.75
N ARG A 251 5.38 -17.35 11.66
CA ARG A 251 4.48 -17.88 10.65
C ARG A 251 5.08 -18.97 9.77
N PHE A 252 6.41 -19.07 9.71
CA PHE A 252 7.07 -20.23 9.05
C PHE A 252 6.61 -21.57 9.64
N THR A 253 6.25 -21.53 10.92
CA THR A 253 5.98 -22.74 11.71
C THR A 253 4.55 -23.23 11.57
N MET A 254 3.66 -22.38 11.06
CA MET A 254 2.27 -22.80 10.82
C MET A 254 2.23 -23.91 9.76
N ARG A 255 1.34 -24.87 9.97
CA ARG A 255 1.22 -26.04 9.11
C ARG A 255 -0.22 -26.21 8.66
N HIS A 256 -0.41 -26.41 7.35
CA HIS A 256 -1.73 -26.59 6.72
CA HIS A 256 -1.73 -26.59 6.72
C HIS A 256 -2.65 -25.40 6.98
N LYS A 257 -2.05 -24.21 7.00
CA LYS A 257 -2.76 -22.99 7.31
C LYS A 257 -3.01 -22.18 6.06
N LYS A 258 -4.07 -21.37 6.10
CA LYS A 258 -4.52 -20.61 4.94
C LYS A 258 -5.19 -19.30 5.32
N ALA A 259 -5.44 -18.46 4.31
CA ALA A 259 -6.02 -17.14 4.48
C ALA A 259 -7.48 -17.19 4.96
N THR A 260 -7.91 -16.15 5.67
CA THR A 260 -9.33 -15.96 5.95
C THR A 260 -9.84 -14.79 5.08
N TYR A 261 -10.99 -15.00 4.46
CA TYR A 261 -11.55 -14.06 3.48
C TYR A 261 -12.51 -13.08 4.10
N GLU A 262 -12.67 -11.93 3.44
CA GLU A 262 -13.64 -10.91 3.80
C GLU A 262 -14.27 -10.35 2.53
N PRO A 263 -15.52 -9.85 2.60
CA PRO A 263 -16.14 -9.29 1.38
C PRO A 263 -15.39 -8.08 0.84
N ASP A 264 -15.55 -7.83 -0.45
CA ASP A 264 -14.91 -6.68 -1.09
C ASP A 264 -15.62 -5.37 -0.71
N VAL A 265 -14.97 -4.24 -0.95
CA VAL A 265 -15.56 -2.89 -0.82
C VAL A 265 -16.65 -2.65 -1.92
N ASP A 266 -17.80 -2.16 -1.51
CA ASP A 266 -18.80 -1.64 -2.48
C ASP A 266 -18.54 -0.16 -2.60
N LEU A 267 -18.10 0.28 -3.78
CA LEU A 267 -17.75 1.70 -3.99
C LEU A 267 -18.92 2.54 -4.57
N GLY A 268 -20.08 1.91 -4.71
CA GLY A 268 -21.31 2.59 -5.16
C GLY A 268 -21.23 3.09 -6.60
N SER A 269 -21.86 4.24 -6.84
CA SER A 269 -21.92 4.84 -8.19
C SER A 269 -22.24 6.32 -8.15
N GLY A 270 -22.18 6.94 -9.34
CA GLY A 270 -22.61 8.32 -9.54
C GLY A 270 -21.62 9.39 -9.14
N THR A 271 -21.88 10.60 -9.65
CA THR A 271 -20.99 11.75 -9.43
C THR A 271 -21.20 12.42 -8.08
N ARG A 272 -20.21 13.19 -7.66
CA ARG A 272 -20.26 13.99 -6.46
C ARG A 272 -20.27 15.46 -6.86
N ASN A 273 -20.83 16.28 -5.98
CA ASN A 273 -20.86 17.69 -6.20
C ASN A 273 -19.62 18.39 -5.61
#